data_1O9Y
#
_entry.id   1O9Y
#
_cell.length_a   53.018
_cell.length_b   27.696
_cell.length_c   98.850
_cell.angle_alpha   90.00
_cell.angle_beta   99.68
_cell.angle_gamma   90.00
#
_symmetry.space_group_name_H-M   'P 1 21 1'
#
loop_
_entity.id
_entity.type
_entity.pdbx_description
1 polymer HRCQ2
2 water water
#
_entity_poly.entity_id   1
_entity_poly.type   'polypeptide(L)'
_entity_poly.pdbx_seq_one_letter_code
;GAMDPQDEPPALDSLALDLTLRCGELRLTLAELRRLDAGTILEVTGISPGHATLCHGEQVVAEGELVDVEGRLGLQITRL
VTRS
;
_entity_poly.pdbx_strand_id   A,B,C,D
#
# COMPACT_ATOMS: atom_id res chain seq x y z
N ALA A 11 -14.44 1.99 46.38
CA ALA A 11 -14.00 0.58 46.63
C ALA A 11 -14.05 -0.29 45.38
N LEU A 12 -14.33 0.34 44.24
CA LEU A 12 -14.34 -0.28 42.91
C LEU A 12 -13.81 0.74 41.89
N ASP A 13 -13.74 1.99 42.34
CA ASP A 13 -13.07 3.07 41.61
C ASP A 13 -11.65 2.68 41.23
N SER A 14 -11.07 1.79 42.03
CA SER A 14 -9.73 1.28 41.81
C SER A 14 -9.67 0.05 40.87
N LEU A 15 -10.80 -0.31 40.26
CA LEU A 15 -10.81 -1.42 39.29
C LEU A 15 -9.99 -1.04 38.05
N ALA A 16 -8.99 -1.86 37.72
CA ALA A 16 -8.08 -1.57 36.61
C ALA A 16 -8.57 -2.17 35.28
N LEU A 17 -8.69 -1.33 34.26
CA LEU A 17 -9.19 -1.75 32.97
C LEU A 17 -8.05 -1.81 31.95
N ASP A 18 -8.01 -2.90 31.19
CA ASP A 18 -7.08 -3.03 30.09
C ASP A 18 -7.76 -2.43 28.87
N LEU A 19 -7.15 -1.38 28.33
CA LEU A 19 -7.69 -0.70 27.17
C LEU A 19 -6.74 -0.79 25.99
N THR A 20 -7.32 -0.83 24.79
CA THR A 20 -6.56 -0.88 23.54
C THR A 20 -6.95 0.27 22.64
N LEU A 21 -6.01 0.64 21.78
CA LEU A 21 -6.20 1.65 20.75
C LEU A 21 -6.59 0.96 19.43
N ARG A 22 -7.82 1.18 18.99
CA ARG A 22 -8.29 0.61 17.74
C ARG A 22 -8.12 1.70 16.71
N CYS A 23 -7.19 1.50 15.77
CA CYS A 23 -6.88 2.53 14.79
C CYS A 23 -7.22 2.10 13.37
N GLY A 24 -8.25 1.27 13.23
CA GLY A 24 -8.65 0.79 11.93
C GLY A 24 -9.28 -0.56 12.06
N GLU A 25 -10.10 -0.91 11.08
CA GLU A 25 -10.84 -2.16 11.06
C GLU A 25 -10.89 -2.68 9.64
N LEU A 26 -10.80 -3.99 9.47
CA LEU A 26 -10.87 -4.61 8.15
C LEU A 26 -11.24 -6.08 8.22
N ARG A 27 -11.74 -6.58 7.10
CA ARG A 27 -12.11 -7.97 6.99
C ARG A 27 -11.16 -8.64 6.00
N LEU A 28 -10.68 -9.82 6.38
CA LEU A 28 -9.97 -10.68 5.45
C LEU A 28 -10.52 -12.08 5.64
N THR A 29 -10.48 -12.89 4.59
CA THR A 29 -10.75 -14.30 4.79
C THR A 29 -9.52 -14.87 5.43
N LEU A 30 -9.68 -16.07 5.97
CA LEU A 30 -8.59 -16.81 6.55
C LEU A 30 -7.52 -17.15 5.50
N ALA A 31 -7.98 -17.51 4.29
CA ALA A 31 -7.06 -17.83 3.20
C ALA A 31 -6.22 -16.60 2.85
N GLU A 32 -6.87 -15.43 2.77
CA GLU A 32 -6.18 -14.17 2.54
C GLU A 32 -5.13 -13.88 3.62
N LEU A 33 -5.49 -14.08 4.88
CA LEU A 33 -4.58 -13.82 6.00
C LEU A 33 -3.37 -14.74 5.98
N ARG A 34 -3.58 -16.02 5.63
CA ARG A 34 -2.50 -17.00 5.47
C ARG A 34 -1.49 -16.61 4.37
N ARG A 35 -1.98 -15.88 3.36
CA ARG A 35 -1.22 -15.53 2.16
C ARG A 35 -0.50 -14.18 2.21
N LEU A 36 -0.58 -13.47 3.33
CA LEU A 36 0.07 -12.17 3.46
C LEU A 36 1.58 -12.33 3.59
N ASP A 37 2.34 -11.51 2.86
CA ASP A 37 3.80 -11.50 3.03
C ASP A 37 4.25 -10.13 3.52
N ALA A 38 5.39 -10.11 4.19
CA ALA A 38 6.03 -8.88 4.61
C ALA A 38 6.28 -7.97 3.41
N GLY A 39 6.05 -6.68 3.62
CA GLY A 39 6.23 -5.70 2.57
C GLY A 39 4.94 -5.30 1.89
N THR A 40 3.96 -6.19 1.86
CA THR A 40 2.67 -5.87 1.25
C THR A 40 1.91 -4.89 2.14
N ILE A 41 1.19 -3.98 1.50
CA ILE A 41 0.38 -3.00 2.21
C ILE A 41 -1.09 -3.37 2.11
N LEU A 42 -1.73 -3.36 3.26
CA LEU A 42 -3.17 -3.50 3.40
C LEU A 42 -3.80 -2.12 3.51
N GLU A 43 -4.81 -1.88 2.70
CA GLU A 43 -5.51 -0.60 2.73
C GLU A 43 -6.58 -0.70 3.80
N VAL A 44 -6.63 0.29 4.67
CA VAL A 44 -7.55 0.26 5.80
C VAL A 44 -8.45 1.50 5.68
N THR A 45 -9.55 1.36 4.97
CA THR A 45 -10.50 2.47 4.80
C THR A 45 -11.33 2.60 6.06
N GLY A 46 -12.04 3.72 6.17
CA GLY A 46 -13.05 3.87 7.20
C GLY A 46 -12.54 4.66 8.38
N ILE A 47 -11.31 5.15 8.30
CA ILE A 47 -10.69 5.86 9.40
C ILE A 47 -9.78 6.97 8.87
N SER A 48 -9.83 8.11 9.54
CA SER A 48 -8.86 9.19 9.34
C SER A 48 -7.51 8.78 9.92
N PRO A 49 -6.46 8.72 9.10
CA PRO A 49 -5.12 8.30 9.56
C PRO A 49 -4.60 9.03 10.82
N GLY A 50 -4.17 8.25 11.81
CA GLY A 50 -3.72 8.80 13.08
C GLY A 50 -4.84 8.85 14.11
N HIS A 51 -6.07 8.62 13.67
CA HIS A 51 -7.18 8.56 14.61
C HIS A 51 -7.20 7.19 15.29
N ALA A 52 -7.58 7.18 16.57
CA ALA A 52 -7.71 5.95 17.31
C ALA A 52 -8.89 5.97 18.27
N THR A 53 -9.57 4.84 18.37
CA THR A 53 -10.61 4.67 19.35
C THR A 53 -10.06 3.91 20.55
N LEU A 54 -10.40 4.37 21.76
CA LEU A 54 -9.98 3.71 23.00
C LEU A 54 -11.04 2.69 23.40
N CYS A 55 -10.64 1.43 23.51
CA CYS A 55 -11.59 0.35 23.68
C CYS A 55 -11.35 -0.51 24.91
N HIS A 56 -12.45 -0.93 25.53
CA HIS A 56 -12.45 -2.05 26.44
C HIS A 56 -13.15 -3.21 25.72
N GLY A 57 -12.37 -4.21 25.34
CA GLY A 57 -12.87 -5.27 24.48
C GLY A 57 -13.36 -4.67 23.17
N GLU A 58 -14.66 -4.82 22.91
CA GLU A 58 -15.28 -4.28 21.71
C GLU A 58 -16.02 -2.95 21.96
N GLN A 59 -16.15 -2.53 23.22
CA GLN A 59 -16.83 -1.28 23.54
C GLN A 59 -15.92 -0.06 23.50
N VAL A 60 -16.42 1.01 22.90
CA VAL A 60 -15.69 2.27 22.78
C VAL A 60 -15.84 3.08 24.07
N VAL A 61 -14.72 3.53 24.63
CA VAL A 61 -14.80 4.40 25.80
C VAL A 61 -14.38 5.85 25.48
N ALA A 62 -13.49 6.02 24.49
CA ALA A 62 -13.01 7.35 24.12
C ALA A 62 -12.53 7.40 22.68
N GLU A 63 -12.51 8.60 22.11
CA GLU A 63 -11.91 8.84 20.79
C GLU A 63 -10.65 9.66 21.00
N GLY A 64 -9.66 9.46 20.12
CA GLY A 64 -8.40 10.16 20.25
C GLY A 64 -7.57 10.31 18.98
N GLU A 65 -6.48 11.06 19.11
CA GLU A 65 -5.49 11.17 18.04
C GLU A 65 -4.15 10.66 18.56
N LEU A 66 -3.47 9.86 17.76
CA LEU A 66 -2.09 9.48 18.05
C LEU A 66 -1.20 10.72 17.99
N VAL A 67 -0.43 10.93 19.06
CA VAL A 67 0.49 12.08 19.11
C VAL A 67 1.92 11.67 19.48
N ASP A 68 2.87 12.50 19.09
CA ASP A 68 4.25 12.32 19.52
C ASP A 68 4.50 13.08 20.81
N VAL A 69 5.02 12.37 21.80
CA VAL A 69 5.37 12.95 23.08
C VAL A 69 6.87 12.68 23.27
N GLU A 70 7.70 13.62 22.86
CA GLU A 70 9.14 13.50 23.03
C GLU A 70 9.68 12.17 22.48
N GLY A 71 9.14 11.74 21.33
CA GLY A 71 9.50 10.49 20.68
C GLY A 71 8.66 9.28 21.09
N ARG A 72 7.78 9.46 22.06
CA ARG A 72 6.95 8.35 22.53
C ARG A 72 5.54 8.49 22.00
N LEU A 73 4.79 7.39 22.00
CA LEU A 73 3.42 7.42 21.51
C LEU A 73 2.49 7.86 22.61
N GLY A 74 1.59 8.77 22.27
CA GLY A 74 0.58 9.23 23.20
C GLY A 74 -0.74 9.22 22.45
N LEU A 75 -1.82 9.21 23.20
CA LEU A 75 -3.15 9.30 22.62
C LEU A 75 -3.74 10.56 23.25
N GLN A 76 -4.06 11.54 22.43
CA GLN A 76 -4.70 12.72 22.94
C GLN A 76 -6.19 12.52 22.78
N ILE A 77 -6.90 12.51 23.90
CA ILE A 77 -8.35 12.35 23.90
C ILE A 77 -9.05 13.55 23.25
N THR A 78 -9.92 13.26 22.29
CA THR A 78 -10.68 14.28 21.61
C THR A 78 -12.16 14.27 22.02
N ARG A 79 -12.65 13.11 22.45
CA ARG A 79 -14.04 12.97 22.86
C ARG A 79 -14.18 11.76 23.77
N LEU A 80 -14.76 11.99 24.95
CA LEU A 80 -15.15 10.90 25.85
C LEU A 80 -16.50 10.37 25.39
N VAL A 81 -16.64 9.05 25.38
CA VAL A 81 -17.81 8.38 24.81
C VAL A 81 -18.57 7.62 25.90
N ALA B 11 16.25 -3.12 -42.21
CA ALA B 11 16.74 -1.84 -41.63
C ALA B 11 16.45 -0.71 -42.60
N LEU B 12 15.67 0.25 -42.12
CA LEU B 12 15.17 1.37 -42.91
C LEU B 12 14.35 2.21 -41.94
N ASP B 13 14.22 3.50 -42.24
CA ASP B 13 13.45 4.42 -41.39
C ASP B 13 11.98 3.98 -41.19
N SER B 14 11.47 3.15 -42.10
CA SER B 14 10.09 2.66 -42.01
C SER B 14 9.89 1.47 -41.06
N LEU B 15 10.95 1.04 -40.40
CA LEU B 15 10.87 -0.09 -39.46
C LEU B 15 10.07 0.31 -38.21
N ALA B 16 9.09 -0.53 -37.86
CA ALA B 16 8.13 -0.24 -36.80
C ALA B 16 8.47 -0.93 -35.49
N LEU B 17 8.77 -0.14 -34.48
CA LEU B 17 9.18 -0.67 -33.18
C LEU B 17 8.03 -0.70 -32.19
N ASP B 18 7.79 -1.87 -31.60
CA ASP B 18 6.84 -2.04 -30.52
C ASP B 18 7.51 -1.62 -29.23
N LEU B 19 7.01 -0.56 -28.62
CA LEU B 19 7.60 -0.01 -27.43
C LEU B 19 6.65 -0.17 -26.25
N THR B 20 7.22 -0.23 -25.05
CA THR B 20 6.44 -0.33 -23.83
C THR B 20 6.84 0.77 -22.84
N LEU B 21 5.91 1.10 -21.97
CA LEU B 21 6.17 2.04 -20.90
C LEU B 21 6.47 1.27 -19.61
N ARG B 22 7.69 1.43 -19.14
CA ARG B 22 8.11 0.84 -17.88
C ARG B 22 7.93 1.93 -16.83
N CYS B 23 7.03 1.69 -15.86
CA CYS B 23 6.74 2.67 -14.82
C CYS B 23 7.07 2.16 -13.42
N GLY B 24 8.12 1.33 -13.35
CA GLY B 24 8.55 0.79 -12.09
C GLY B 24 9.09 -0.62 -12.24
N GLU B 25 9.95 -1.01 -11.32
CA GLU B 25 10.53 -2.36 -11.28
C GLU B 25 10.53 -2.89 -9.85
N LEU B 26 10.27 -4.18 -9.71
CA LEU B 26 10.35 -4.83 -8.40
C LEU B 26 10.72 -6.30 -8.50
N ARG B 27 11.17 -6.86 -7.39
CA ARG B 27 11.52 -8.25 -7.31
C ARG B 27 10.59 -8.94 -6.32
N LEU B 28 9.97 -10.02 -6.78
CA LEU B 28 9.28 -10.98 -5.91
C LEU B 28 9.71 -12.42 -6.23
N THR B 29 9.76 -13.25 -5.21
CA THR B 29 9.94 -14.68 -5.40
C THR B 29 8.65 -15.18 -6.01
N LEU B 30 8.70 -16.39 -6.59
CA LEU B 30 7.50 -17.01 -7.15
C LEU B 30 6.47 -17.28 -6.05
N ALA B 31 6.95 -17.71 -4.88
CA ALA B 31 6.08 -17.92 -3.72
C ALA B 31 5.34 -16.63 -3.36
N GLU B 32 6.06 -15.50 -3.29
CA GLU B 32 5.44 -14.19 -3.07
C GLU B 32 4.40 -13.83 -4.12
N LEU B 33 4.74 -14.04 -5.40
CA LEU B 33 3.84 -13.75 -6.52
C LEU B 33 2.58 -14.64 -6.52
N ARG B 34 2.76 -15.91 -6.17
CA ARG B 34 1.64 -16.86 -6.03
C ARG B 34 0.64 -16.42 -4.93
N ARG B 35 1.15 -15.71 -3.92
CA ARG B 35 0.40 -15.38 -2.71
C ARG B 35 -0.32 -14.04 -2.75
N LEU B 36 -0.11 -13.25 -3.80
CA LEU B 36 -0.73 -11.94 -3.92
C LEU B 36 -2.24 -12.07 -4.03
N ASP B 37 -2.97 -11.23 -3.30
CA ASP B 37 -4.42 -11.18 -3.44
C ASP B 37 -4.86 -9.81 -3.95
N ALA B 38 -5.97 -9.77 -4.67
CA ALA B 38 -6.63 -8.53 -5.05
C ALA B 38 -6.83 -7.64 -3.85
N GLY B 39 -6.59 -6.34 -4.02
CA GLY B 39 -6.78 -5.38 -2.95
C GLY B 39 -5.51 -5.07 -2.17
N THR B 40 -4.48 -5.91 -2.27
CA THR B 40 -3.23 -5.61 -1.56
C THR B 40 -2.41 -4.61 -2.38
N ILE B 41 -1.56 -3.86 -1.70
CA ILE B 41 -0.73 -2.88 -2.39
C ILE B 41 0.74 -3.28 -2.33
N LEU B 42 1.38 -3.27 -3.50
CA LEU B 42 2.80 -3.45 -3.65
C LEU B 42 3.48 -2.09 -3.77
N GLU B 43 4.53 -1.90 -2.99
CA GLU B 43 5.25 -0.63 -2.97
C GLU B 43 6.35 -0.75 -4.01
N VAL B 44 6.54 0.28 -4.82
CA VAL B 44 7.45 0.21 -5.96
C VAL B 44 8.43 1.36 -5.82
N THR B 45 9.52 1.09 -5.10
CA THR B 45 10.54 2.11 -4.83
C THR B 45 11.39 2.37 -6.05
N GLY B 46 12.10 3.49 -6.02
CA GLY B 46 13.13 3.78 -7.00
C GLY B 46 12.61 4.51 -8.21
N ILE B 47 11.36 4.92 -8.17
CA ILE B 47 10.74 5.69 -9.24
C ILE B 47 9.82 6.77 -8.66
N SER B 48 9.87 7.95 -9.27
CA SER B 48 8.91 9.02 -9.05
C SER B 48 7.58 8.62 -9.71
N PRO B 49 6.47 8.63 -8.96
CA PRO B 49 5.16 8.22 -9.50
C PRO B 49 4.76 9.03 -10.74
N GLY B 50 4.31 8.34 -11.79
CA GLY B 50 3.98 9.00 -13.04
C GLY B 50 5.10 9.02 -14.04
N HIS B 51 6.33 8.85 -13.56
CA HIS B 51 7.46 8.69 -14.47
C HIS B 51 7.37 7.36 -15.19
N ALA B 52 7.80 7.35 -16.45
CA ALA B 52 7.86 6.12 -17.24
C ALA B 52 9.07 6.19 -18.14
N THR B 53 9.69 5.05 -18.40
CA THR B 53 10.69 4.97 -19.46
C THR B 53 10.04 4.25 -20.62
N LEU B 54 10.38 4.71 -21.82
CA LEU B 54 9.91 4.11 -23.03
C LEU B 54 10.97 3.10 -23.45
N CYS B 55 10.56 1.85 -23.62
CA CYS B 55 11.48 0.75 -23.84
C CYS B 55 11.22 -0.05 -25.09
N HIS B 56 12.29 -0.46 -25.74
CA HIS B 56 12.23 -1.52 -26.72
C HIS B 56 12.90 -2.70 -26.04
N GLY B 57 12.11 -3.71 -25.71
CA GLY B 57 12.57 -4.79 -24.86
C GLY B 57 13.05 -4.24 -23.52
N GLU B 58 14.35 -4.45 -23.24
CA GLU B 58 14.94 -3.98 -21.99
C GLU B 58 15.84 -2.76 -22.20
N GLN B 59 15.76 -2.16 -23.37
CA GLN B 59 16.55 -0.98 -23.69
C GLN B 59 15.69 0.29 -23.65
N VAL B 60 16.17 1.26 -22.88
CA VAL B 60 15.51 2.54 -22.74
C VAL B 60 15.81 3.32 -24.00
N VAL B 61 14.78 3.85 -24.65
CA VAL B 61 14.98 4.75 -25.77
C VAL B 61 14.59 6.20 -25.44
N ALA B 62 13.75 6.37 -24.41
CA ALA B 62 13.29 7.67 -23.95
C ALA B 62 12.78 7.62 -22.52
N GLU B 63 12.69 8.78 -21.89
CA GLU B 63 12.07 8.94 -20.60
C GLU B 63 10.98 9.96 -20.75
N GLY B 64 9.96 9.87 -19.90
CA GLY B 64 8.92 10.88 -19.85
C GLY B 64 7.98 10.78 -18.66
N GLU B 65 6.93 11.61 -18.68
CA GLU B 65 5.92 11.60 -17.63
C GLU B 65 4.59 11.11 -18.20
N LEU B 66 3.85 10.32 -17.43
CA LEU B 66 2.52 9.88 -17.80
C LEU B 66 1.53 11.04 -17.68
N VAL B 67 0.83 11.34 -18.76
CA VAL B 67 -0.11 12.46 -18.74
C VAL B 67 -1.54 12.05 -19.14
N ASP B 68 -2.50 12.71 -18.53
CA ASP B 68 -3.90 12.54 -18.88
C ASP B 68 -4.26 13.66 -19.85
N VAL B 69 -4.62 13.29 -21.07
CA VAL B 69 -5.01 14.26 -22.10
C VAL B 69 -6.46 13.97 -22.48
N GLU B 70 -7.38 14.78 -21.96
CA GLU B 70 -8.81 14.63 -22.22
C GLU B 70 -9.31 13.20 -21.93
N GLY B 71 -8.82 12.63 -20.84
CA GLY B 71 -9.18 11.28 -20.43
C GLY B 71 -8.28 10.18 -20.98
N ARG B 72 -7.42 10.51 -21.94
CA ARG B 72 -6.58 9.48 -22.57
C ARG B 72 -5.14 9.53 -22.09
N LEU B 73 -4.54 8.36 -21.94
CA LEU B 73 -3.17 8.28 -21.47
C LEU B 73 -2.18 8.71 -22.54
N GLY B 74 -1.25 9.58 -22.13
CA GLY B 74 -0.17 10.04 -22.97
C GLY B 74 1.15 9.89 -22.23
N LEU B 75 2.25 9.92 -22.99
CA LEU B 75 3.58 10.00 -22.41
C LEU B 75 4.22 11.28 -22.92
N GLN B 76 4.44 12.24 -22.03
CA GLN B 76 5.12 13.48 -22.40
C GLN B 76 6.63 13.24 -22.28
N ILE B 77 7.32 13.31 -23.40
CA ILE B 77 8.75 13.02 -23.46
C ILE B 77 9.57 14.11 -22.75
N THR B 78 10.42 13.69 -21.83
CA THR B 78 11.28 14.63 -21.11
C THR B 78 12.73 14.53 -21.60
N ARG B 79 13.19 13.31 -21.85
CA ARG B 79 14.55 13.07 -22.32
C ARG B 79 14.58 11.98 -23.36
N LEU B 80 15.20 12.27 -24.51
CA LEU B 80 15.52 11.24 -25.48
C LEU B 80 16.86 10.60 -25.10
N VAL B 81 16.97 9.29 -25.28
CA VAL B 81 18.19 8.55 -24.97
C VAL B 81 18.94 8.19 -26.26
N PRO C 10 9.28 -26.59 -1.73
CA PRO C 10 9.45 -26.40 -3.20
C PRO C 10 10.60 -25.44 -3.50
N ALA C 11 11.63 -25.94 -4.18
CA ALA C 11 12.85 -25.15 -4.39
C ALA C 11 12.62 -23.95 -5.33
N LEU C 12 11.81 -24.16 -6.37
CA LEU C 12 11.49 -23.11 -7.34
C LEU C 12 10.67 -21.96 -6.74
N ASP C 13 10.14 -22.15 -5.54
CA ASP C 13 9.42 -21.11 -4.81
C ASP C 13 10.33 -19.94 -4.46
N SER C 14 11.61 -20.25 -4.23
CA SER C 14 12.62 -19.27 -3.86
C SER C 14 13.16 -18.45 -5.05
N LEU C 15 12.72 -18.80 -6.26
CA LEU C 15 13.06 -18.07 -7.47
C LEU C 15 12.73 -16.58 -7.41
N ALA C 16 13.77 -15.76 -7.44
CA ALA C 16 13.62 -14.31 -7.52
C ALA C 16 13.29 -13.85 -8.94
N LEU C 17 12.10 -13.27 -9.09
CA LEU C 17 11.67 -12.78 -10.40
C LEU C 17 11.76 -11.26 -10.45
N ASP C 18 12.33 -10.76 -11.55
CA ASP C 18 12.42 -9.31 -11.79
C ASP C 18 11.18 -8.89 -12.56
N LEU C 19 10.25 -8.25 -11.86
CA LEU C 19 8.99 -7.88 -12.46
C LEU C 19 8.98 -6.40 -12.80
N THR C 20 8.20 -6.06 -13.82
CA THR C 20 8.12 -4.71 -14.31
C THR C 20 6.68 -4.18 -14.20
N LEU C 21 6.52 -2.90 -13.80
CA LEU C 21 5.25 -2.22 -13.97
C LEU C 21 5.16 -1.71 -15.39
N ARG C 22 4.08 -2.06 -16.07
CA ARG C 22 3.89 -1.67 -17.46
C ARG C 22 2.67 -0.75 -17.56
N CYS C 23 2.90 0.44 -18.09
CA CYS C 23 1.89 1.48 -18.17
C CYS C 23 1.40 1.74 -19.58
N GLY C 24 1.46 0.70 -20.40
CA GLY C 24 0.96 0.75 -21.74
C GLY C 24 2.05 0.61 -22.76
N GLU C 25 1.66 0.81 -24.01
CA GLU C 25 2.53 0.57 -25.14
C GLU C 25 2.19 1.48 -26.31
N LEU C 26 3.13 1.57 -27.24
CA LEU C 26 2.94 2.35 -28.47
C LEU C 26 3.93 1.90 -29.53
N ARG C 27 3.60 2.18 -30.79
CA ARG C 27 4.39 1.71 -31.91
C ARG C 27 4.94 2.93 -32.64
N LEU C 28 6.26 2.98 -32.81
CA LEU C 28 6.88 4.03 -33.59
C LEU C 28 7.83 3.45 -34.64
N THR C 29 7.83 4.05 -35.82
CA THR C 29 8.85 3.76 -36.82
C THR C 29 10.20 4.31 -36.36
N LEU C 30 11.29 3.80 -36.92
CA LEU C 30 12.63 4.29 -36.64
C LEU C 30 12.76 5.80 -36.95
N ALA C 31 12.10 6.23 -38.02
CA ALA C 31 12.07 7.64 -38.44
C ALA C 31 11.38 8.51 -37.38
N GLU C 32 10.25 8.04 -36.88
CA GLU C 32 9.52 8.75 -35.84
C GLU C 32 10.33 8.86 -34.55
N LEU C 33 10.90 7.75 -34.10
CA LEU C 33 11.69 7.73 -32.87
C LEU C 33 12.91 8.65 -33.03
N ARG C 34 13.41 8.76 -34.26
CA ARG C 34 14.50 9.67 -34.61
C ARG C 34 14.09 11.12 -34.45
N ARG C 35 12.87 11.43 -34.91
CA ARG C 35 12.31 12.80 -34.90
C ARG C 35 11.91 13.27 -33.51
N LEU C 36 11.60 12.31 -32.64
CA LEU C 36 11.00 12.57 -31.34
C LEU C 36 11.85 13.49 -30.45
N ASP C 37 11.30 14.65 -30.12
CA ASP C 37 11.98 15.58 -29.24
C ASP C 37 11.26 15.73 -27.90
N ALA C 38 11.96 16.28 -26.91
CA ALA C 38 11.38 16.61 -25.62
C ALA C 38 10.12 17.44 -25.77
N GLY C 39 9.14 17.17 -24.91
CA GLY C 39 7.89 17.91 -24.90
C GLY C 39 6.76 17.25 -25.67
N THR C 40 7.11 16.42 -26.65
CA THR C 40 6.13 15.68 -27.44
C THR C 40 5.34 14.72 -26.52
N ILE C 41 4.02 14.72 -26.70
CA ILE C 41 3.15 13.81 -25.98
C ILE C 41 2.72 12.72 -26.95
N LEU C 42 3.08 11.49 -26.62
CA LEU C 42 2.69 10.33 -27.43
C LEU C 42 1.51 9.60 -26.81
N GLU C 43 0.52 9.29 -27.65
CA GLU C 43 -0.64 8.49 -27.26
C GLU C 43 -0.23 7.07 -26.90
N VAL C 44 -0.79 6.57 -25.80
CA VAL C 44 -0.53 5.26 -25.26
C VAL C 44 -1.73 4.32 -25.44
N THR C 45 -1.44 3.07 -25.82
CA THR C 45 -2.44 2.02 -25.97
C THR C 45 -2.31 0.98 -24.88
N GLY C 46 -3.38 0.23 -24.64
CA GLY C 46 -3.31 -0.89 -23.73
C GLY C 46 -3.89 -0.61 -22.35
N ILE C 47 -3.68 0.59 -21.82
CA ILE C 47 -4.22 0.93 -20.51
C ILE C 47 -4.85 2.30 -20.53
N SER C 48 -5.80 2.52 -19.62
CA SER C 48 -6.33 3.85 -19.34
C SER C 48 -5.51 4.45 -18.20
N PRO C 49 -5.54 5.78 -18.06
CA PRO C 49 -4.73 6.44 -17.03
C PRO C 49 -4.98 5.86 -15.64
N GLY C 50 -3.93 5.81 -14.82
CA GLY C 50 -4.05 5.30 -13.46
C GLY C 50 -3.85 3.80 -13.33
N HIS C 51 -3.69 3.09 -14.45
CA HIS C 51 -3.58 1.62 -14.42
C HIS C 51 -2.21 1.11 -14.84
N ALA C 52 -1.91 -0.13 -14.44
CA ALA C 52 -0.66 -0.77 -14.83
C ALA C 52 -0.83 -2.27 -14.76
N THR C 53 -0.04 -2.98 -15.57
CA THR C 53 0.12 -4.42 -15.41
C THR C 53 1.45 -4.75 -14.73
N LEU C 54 1.43 -5.80 -13.94
CA LEU C 54 2.65 -6.37 -13.39
C LEU C 54 3.13 -7.44 -14.37
N CYS C 55 4.39 -7.32 -14.79
CA CYS C 55 4.91 -8.10 -15.92
C CYS C 55 6.24 -8.80 -15.64
N HIS C 56 6.31 -10.05 -16.08
CA HIS C 56 7.57 -10.79 -16.14
C HIS C 56 7.91 -11.00 -17.61
N GLY C 57 8.93 -10.27 -18.08
CA GLY C 57 9.24 -10.24 -19.49
C GLY C 57 8.07 -9.57 -20.18
N GLU C 58 7.46 -10.27 -21.14
CA GLU C 58 6.26 -9.76 -21.76
C GLU C 58 5.01 -10.46 -21.27
N GLN C 59 5.13 -11.24 -20.20
CA GLN C 59 3.98 -11.92 -19.61
C GLN C 59 3.33 -11.14 -18.44
N VAL C 60 2.05 -10.84 -18.60
CA VAL C 60 1.26 -10.18 -17.56
C VAL C 60 0.94 -11.21 -16.47
N VAL C 61 1.29 -10.88 -15.23
CA VAL C 61 0.96 -11.75 -14.12
C VAL C 61 -0.06 -11.12 -13.15
N ALA C 62 -0.28 -9.82 -13.29
CA ALA C 62 -1.24 -9.11 -12.46
C ALA C 62 -1.61 -7.80 -13.10
N GLU C 63 -2.78 -7.31 -12.72
CA GLU C 63 -3.28 -6.02 -13.16
C GLU C 63 -3.51 -5.24 -11.89
N GLY C 64 -3.41 -3.93 -11.97
CA GLY C 64 -3.59 -3.11 -10.79
C GLY C 64 -3.77 -1.65 -11.10
N GLU C 65 -3.85 -0.87 -10.02
CA GLU C 65 -4.07 0.57 -10.06
C GLU C 65 -2.85 1.25 -9.45
N LEU C 66 -2.38 2.31 -10.10
CA LEU C 66 -1.28 3.11 -9.56
C LEU C 66 -1.77 4.01 -8.41
N VAL C 67 -1.14 3.87 -7.24
CA VAL C 67 -1.42 4.72 -6.09
C VAL C 67 -0.14 5.38 -5.57
N ASP C 68 -0.32 6.44 -4.79
CA ASP C 68 0.76 7.16 -4.18
C ASP C 68 0.81 6.75 -2.71
N VAL C 69 1.96 6.24 -2.29
CA VAL C 69 2.17 5.83 -0.91
C VAL C 69 3.20 6.79 -0.32
N GLU C 70 2.71 7.88 0.28
CA GLU C 70 3.57 8.92 0.88
C GLU C 70 4.65 9.47 -0.06
N GLY C 71 4.34 9.58 -1.35
CA GLY C 71 5.30 10.08 -2.32
C GLY C 71 5.95 8.96 -3.11
N ARG C 72 5.78 7.72 -2.64
CA ARG C 72 6.27 6.55 -3.37
C ARG C 72 5.16 5.94 -4.25
N LEU C 73 5.57 5.22 -5.28
CA LEU C 73 4.63 4.55 -6.14
C LEU C 73 4.17 3.22 -5.51
N GLY C 74 2.87 3.00 -5.52
CA GLY C 74 2.30 1.72 -5.18
C GLY C 74 1.52 1.11 -6.35
N LEU C 75 1.44 -0.21 -6.37
CA LEU C 75 0.51 -0.88 -7.23
C LEU C 75 -0.53 -1.61 -6.40
N GLN C 76 -1.76 -1.12 -6.48
CA GLN C 76 -2.86 -1.84 -5.85
C GLN C 76 -3.37 -2.90 -6.81
N ILE C 77 -3.12 -4.16 -6.47
CA ILE C 77 -3.54 -5.29 -7.29
C ILE C 77 -5.08 -5.35 -7.40
N THR C 78 -5.59 -5.40 -8.62
CA THR C 78 -7.01 -5.63 -8.85
C THR C 78 -7.32 -7.08 -9.28
N ARG C 79 -6.36 -7.75 -9.90
CA ARG C 79 -6.51 -9.13 -10.33
C ARG C 79 -5.16 -9.78 -10.47
N LEU C 80 -5.06 -11.05 -10.08
CA LEU C 80 -3.93 -11.91 -10.42
C LEU C 80 -4.27 -12.73 -11.63
N VAL C 81 -3.34 -12.79 -12.58
CA VAL C 81 -3.58 -13.53 -13.83
C VAL C 81 -2.95 -14.91 -13.79
N ALA D 11 -13.05 -25.28 2.93
CA ALA D 11 -14.13 -24.26 3.03
C ALA D 11 -13.92 -23.36 4.24
N LEU D 12 -13.10 -23.82 5.19
CA LEU D 12 -12.74 -23.01 6.36
C LEU D 12 -11.87 -21.80 5.99
N ASP D 13 -11.08 -21.95 4.91
CA ASP D 13 -10.29 -20.86 4.35
C ASP D 13 -11.18 -19.68 3.92
N SER D 14 -12.46 -19.98 3.71
CA SER D 14 -13.44 -18.99 3.29
C SER D 14 -14.03 -18.16 4.45
N LEU D 15 -13.57 -18.44 5.66
CA LEU D 15 -14.05 -17.77 6.87
C LEU D 15 -13.65 -16.30 6.87
N ALA D 16 -14.64 -15.43 6.98
CA ALA D 16 -14.38 -14.00 7.01
C ALA D 16 -14.10 -13.57 8.43
N LEU D 17 -12.94 -12.94 8.64
CA LEU D 17 -12.48 -12.57 9.97
C LEU D 17 -12.49 -11.07 10.14
N ASP D 18 -13.02 -10.63 11.28
CA ASP D 18 -13.01 -9.22 11.62
C ASP D 18 -11.70 -8.90 12.31
N LEU D 19 -10.86 -8.14 11.62
CA LEU D 19 -9.56 -7.76 12.17
C LEU D 19 -9.54 -6.28 12.53
N THR D 20 -8.75 -5.92 13.53
CA THR D 20 -8.51 -4.54 13.88
C THR D 20 -7.04 -4.20 13.77
N LEU D 21 -6.76 -2.91 13.54
CA LEU D 21 -5.43 -2.39 13.72
C LEU D 21 -5.34 -1.95 15.16
N ARG D 22 -4.32 -2.44 15.86
CA ARG D 22 -4.10 -2.05 17.25
C ARG D 22 -2.85 -1.17 17.33
N CYS D 23 -3.02 0.05 17.84
CA CYS D 23 -1.95 1.04 17.87
C CYS D 23 -1.39 1.25 19.26
N GLY D 24 -1.61 0.26 20.12
CA GLY D 24 -1.13 0.30 21.48
C GLY D 24 -2.19 -0.07 22.48
N GLU D 25 -1.78 -0.06 23.74
CA GLU D 25 -2.67 -0.33 24.86
C GLU D 25 -2.29 0.48 26.06
N LEU D 26 -3.21 0.60 27.01
CA LEU D 26 -2.94 1.26 28.28
C LEU D 26 -3.88 0.75 29.36
N ARG D 27 -3.50 0.97 30.61
CA ARG D 27 -4.35 0.58 31.73
C ARG D 27 -4.80 1.85 32.48
N LEU D 28 -6.10 1.91 32.75
CA LEU D 28 -6.68 2.98 33.56
C LEU D 28 -7.66 2.37 34.55
N THR D 29 -7.61 2.87 35.78
CA THR D 29 -8.64 2.54 36.75
C THR D 29 -9.98 3.14 36.32
N LEU D 30 -11.06 2.70 36.96
CA LEU D 30 -12.39 3.24 36.73
C LEU D 30 -12.44 4.72 37.09
N ALA D 31 -11.77 5.07 38.19
CA ALA D 31 -11.66 6.45 38.65
C ALA D 31 -10.97 7.33 37.60
N GLU D 32 -9.82 6.86 37.09
CA GLU D 32 -9.08 7.56 36.06
C GLU D 32 -9.91 7.74 34.78
N LEU D 33 -10.59 6.67 34.37
CA LEU D 33 -11.44 6.72 33.19
C LEU D 33 -12.56 7.76 33.36
N ARG D 34 -12.96 7.98 34.61
CA ARG D 34 -13.98 8.97 34.96
C ARG D 34 -13.45 10.41 34.94
N ARG D 35 -12.18 10.59 35.32
CA ARG D 35 -11.51 11.90 35.29
C ARG D 35 -11.08 12.30 33.86
N LEU D 36 -11.21 11.39 32.91
CA LEU D 36 -10.66 11.58 31.58
C LEU D 36 -11.47 12.58 30.75
N ASP D 37 -10.80 13.58 30.19
CA ASP D 37 -11.50 14.53 29.33
C ASP D 37 -10.71 14.89 28.10
N ALA D 38 -11.38 15.61 27.19
CA ALA D 38 -10.79 16.08 25.98
C ALA D 38 -9.50 16.84 26.26
N GLY D 39 -8.44 16.48 25.56
CA GLY D 39 -7.18 17.18 25.65
C GLY D 39 -6.13 16.41 26.39
N THR D 40 -6.55 15.54 27.31
CA THR D 40 -5.66 14.65 28.04
C THR D 40 -4.83 13.83 27.07
N ILE D 41 -3.52 13.77 27.33
CA ILE D 41 -2.65 12.92 26.56
C ILE D 41 -2.31 11.71 27.43
N LEU D 42 -2.67 10.53 26.95
CA LEU D 42 -2.33 9.32 27.68
C LEU D 42 -1.10 8.66 27.07
N GLU D 43 -0.22 8.15 27.93
CA GLU D 43 0.93 7.36 27.50
C GLU D 43 0.46 6.01 26.99
N VAL D 44 0.97 5.62 25.83
CA VAL D 44 0.65 4.35 25.21
C VAL D 44 1.79 3.33 25.29
N THR D 45 1.46 2.09 25.67
CA THR D 45 2.48 1.04 25.74
C THR D 45 2.30 -0.08 24.72
N GLY D 46 3.32 -0.92 24.56
CA GLY D 46 3.18 -2.15 23.82
C GLY D 46 3.38 -2.06 22.32
N ILE D 47 3.80 -0.90 21.85
CA ILE D 47 4.00 -0.68 20.43
C ILE D 47 4.93 0.49 20.21
N SER D 48 5.87 0.33 19.27
CA SER D 48 6.65 1.47 18.78
C SER D 48 5.72 2.42 18.02
N PRO D 49 5.95 3.72 18.17
CA PRO D 49 5.19 4.73 17.42
C PRO D 49 5.33 4.56 15.90
N GLY D 50 4.28 4.89 15.14
CA GLY D 50 4.26 4.65 13.70
C GLY D 50 4.00 3.18 13.35
N HIS D 51 3.75 2.36 14.36
CA HIS D 51 3.55 0.94 14.16
C HIS D 51 2.16 0.47 14.63
N ALA D 52 1.79 -0.74 14.23
CA ALA D 52 0.54 -1.30 14.65
C ALA D 52 0.60 -2.79 14.51
N THR D 53 -0.27 -3.48 15.24
CA THR D 53 -0.49 -4.90 15.03
C THR D 53 -1.86 -5.10 14.40
N LEU D 54 -1.96 -6.18 13.65
CA LEU D 54 -3.21 -6.61 13.06
C LEU D 54 -3.74 -7.70 13.99
N CYS D 55 -4.94 -7.47 14.52
CA CYS D 55 -5.48 -8.32 15.58
C CYS D 55 -6.84 -8.93 15.26
N HIS D 56 -7.00 -10.19 15.67
CA HIS D 56 -8.30 -10.86 15.69
C HIS D 56 -8.69 -11.01 17.16
N GLY D 57 -9.67 -10.23 17.58
CA GLY D 57 -9.96 -10.05 18.99
C GLY D 57 -8.69 -9.61 19.69
N GLU D 58 -8.22 -10.44 20.62
CA GLU D 58 -7.05 -10.08 21.42
C GLU D 58 -5.77 -10.70 20.89
N GLN D 59 -5.84 -11.41 19.78
CA GLN D 59 -4.66 -12.11 19.27
C GLN D 59 -4.01 -11.42 18.08
N VAL D 60 -2.69 -11.24 18.16
CA VAL D 60 -1.90 -10.63 17.11
C VAL D 60 -1.71 -11.67 16.00
N VAL D 61 -2.03 -11.29 14.75
CA VAL D 61 -1.76 -12.15 13.58
C VAL D 61 -0.71 -11.53 12.65
N ALA D 62 -0.38 -10.26 12.86
CA ALA D 62 0.66 -9.59 12.09
C ALA D 62 1.08 -8.27 12.72
N GLU D 63 2.28 -7.85 12.34
CA GLU D 63 2.85 -6.59 12.76
C GLU D 63 3.08 -5.79 11.50
N GLY D 64 2.96 -4.47 11.63
CA GLY D 64 3.27 -3.60 10.53
C GLY D 64 3.51 -2.15 10.91
N GLU D 65 3.75 -1.36 9.88
CA GLU D 65 3.98 0.08 9.98
C GLU D 65 2.78 0.80 9.33
N LEU D 66 2.30 1.84 10.00
CA LEU D 66 1.25 2.66 9.42
C LEU D 66 1.83 3.50 8.27
N VAL D 67 1.11 3.52 7.15
CA VAL D 67 1.50 4.39 6.05
C VAL D 67 0.29 5.15 5.55
N ASP D 68 0.55 6.21 4.80
CA ASP D 68 -0.50 7.00 4.20
C ASP D 68 -0.60 6.67 2.70
N VAL D 69 -1.76 6.22 2.26
CA VAL D 69 -2.02 5.90 0.86
C VAL D 69 -3.04 6.90 0.28
N GLU D 70 -2.50 8.00 -0.25
CA GLU D 70 -3.34 9.07 -0.81
C GLU D 70 -4.43 9.55 0.15
N GLY D 71 -4.12 9.59 1.45
CA GLY D 71 -5.06 10.01 2.48
C GLY D 71 -5.76 8.87 3.23
N ARG D 72 -5.71 7.66 2.70
CA ARG D 72 -6.23 6.47 3.40
C ARG D 72 -5.14 5.82 4.25
N LEU D 73 -5.54 5.20 5.36
CA LEU D 73 -4.56 4.55 6.19
C LEU D 73 -4.18 3.21 5.55
N GLY D 74 -2.88 2.91 5.61
CA GLY D 74 -2.38 1.62 5.18
C GLY D 74 -1.62 0.92 6.28
N LEU D 75 -1.56 -0.40 6.20
CA LEU D 75 -0.67 -1.17 7.05
C LEU D 75 0.35 -1.90 6.17
N GLN D 76 1.60 -1.50 6.29
CA GLN D 76 2.68 -2.22 5.62
C GLN D 76 3.12 -3.34 6.52
N ILE D 77 2.81 -4.57 6.13
CA ILE D 77 3.13 -5.75 6.92
C ILE D 77 4.64 -5.87 7.02
N THR D 78 5.16 -5.97 8.25
CA THR D 78 6.57 -6.27 8.47
C THR D 78 6.80 -7.74 8.88
N ARG D 79 5.77 -8.35 9.48
CA ARG D 79 5.85 -9.73 9.90
C ARG D 79 4.49 -10.36 10.08
N LEU D 80 4.36 -11.60 9.63
CA LEU D 80 3.21 -12.44 9.97
C LEU D 80 3.58 -13.28 11.17
N VAL D 81 2.67 -13.33 12.13
CA VAL D 81 2.88 -14.13 13.32
C VAL D 81 2.37 -15.54 13.03
N THR D 82 3.31 -16.40 12.64
CA THR D 82 2.99 -17.75 12.17
C THR D 82 3.97 -18.79 12.70
#